data_4G05
#
_entry.id   4G05
#
_cell.length_a   96.430
_cell.length_b   96.430
_cell.length_c   98.780
_cell.angle_alpha   90.00
_cell.angle_beta   90.00
_cell.angle_gamma   90.00
#
_symmetry.space_group_name_H-M   'I 41'
#
loop_
_entity.id
_entity.type
_entity.pdbx_description
1 polymer 'Versatile peroxidase VPL2'
2 non-polymer 'PROTOPORPHYRIN IX CONTAINING FE'
3 non-polymer 'CALCIUM ION'
4 non-polymer Guaiacol
5 non-polymer 'SULFATE ION'
6 water water
#
_entity_poly.entity_id   1
_entity_poly.type   'polypeptide(L)'
_entity_poly.pdbx_seq_one_letter_code
;ATCDDGRTTANAACCILFPILDDIQENLFDGAQCGEEVHESLRLTFHDAIGFSPTLGGGGADGSIIAFDTIETNFPANAG
IDEIVSAQKPFVAKHNISAGDFIQFAGAVGVSNCPGGVRIPFFLGRPDAVAASPDHLVPGPFDSVDSILARMGDAGFSPV
EVVWLLASHSIAAADKVDPSIPGTPFDSTPEVFDSQFFIETQLKGRLFPGTADNKGEAQSPLQGEIRLQSDHLLARDPQT
ACEWQSMVNNQPKIQNRFAATMSKMALLGQDKTKLIDCSDVIPTPPALVGAAHLPAGFSLSDVEQACAATPFPALTA
;
_entity_poly.pdbx_strand_id   A
#
loop_
_chem_comp.id
_chem_comp.type
_chem_comp.name
_chem_comp.formula
CA non-polymer 'CALCIUM ION' 'Ca 2'
HEM non-polymer 'PROTOPORPHYRIN IX CONTAINING FE' 'C34 H32 Fe N4 O4'
JZ3 non-polymer Guaiacol 'C7 H8 O2'
SO4 non-polymer 'SULFATE ION' 'O4 S -2'
#
# COMPACT_ATOMS: atom_id res chain seq x y z
N ALA A 1 -25.71 -14.57 8.88
CA ALA A 1 -26.28 -15.28 7.72
C ALA A 1 -25.38 -16.44 7.27
N THR A 2 -25.93 -17.34 6.44
CA THR A 2 -25.19 -18.51 5.98
C THR A 2 -25.34 -18.54 4.47
N CYS A 3 -24.21 -18.62 3.76
CA CYS A 3 -24.25 -18.53 2.31
C CYS A 3 -24.54 -19.89 1.73
N ASP A 4 -24.69 -19.95 0.41
CA ASP A 4 -25.15 -21.20 -0.24
C ASP A 4 -24.16 -22.33 -0.11
N ASP A 5 -22.86 -22.04 -0.10
CA ASP A 5 -21.86 -23.09 0.20
C ASP A 5 -21.62 -23.32 1.74
N GLY A 6 -22.49 -22.79 2.62
CA GLY A 6 -22.32 -23.05 4.06
C GLY A 6 -21.41 -22.08 4.83
N ARG A 7 -20.47 -21.40 4.11
CA ARG A 7 -19.68 -20.28 4.69
C ARG A 7 -20.59 -19.18 5.25
N THR A 8 -20.24 -18.61 6.40
CA THR A 8 -21.11 -17.61 7.00
C THR A 8 -20.49 -16.21 6.97
N THR A 9 -21.34 -15.20 7.01
CA THR A 9 -20.90 -13.83 7.05
C THR A 9 -22.00 -13.06 7.79
N ALA A 10 -21.61 -12.01 8.52
CA ALA A 10 -22.55 -11.23 9.36
C ALA A 10 -23.79 -10.71 8.59
N ASN A 11 -23.61 -10.14 7.38
CA ASN A 11 -24.71 -9.54 6.54
C ASN A 11 -24.89 -10.30 5.25
N ALA A 12 -26.11 -10.74 5.00
CA ALA A 12 -26.40 -11.65 3.90
C ALA A 12 -25.95 -11.15 2.55
N ALA A 13 -25.98 -9.82 2.32
CA ALA A 13 -25.54 -9.29 0.99
C ALA A 13 -24.03 -9.48 0.72
N CYS A 14 -23.26 -9.87 1.74
CA CYS A 14 -21.81 -10.18 1.58
C CYS A 14 -21.56 -11.51 0.92
N CYS A 15 -22.57 -12.39 0.92
CA CYS A 15 -22.42 -13.72 0.33
C CYS A 15 -21.80 -13.75 -1.09
N ILE A 16 -22.19 -12.80 -1.93
CA ILE A 16 -21.69 -12.74 -3.31
C ILE A 16 -20.14 -12.52 -3.38
N LEU A 17 -19.52 -12.08 -2.28
CA LEU A 17 -18.06 -11.96 -2.24
C LEU A 17 -17.28 -13.28 -2.21
N PHE A 18 -17.90 -14.38 -1.73
CA PHE A 18 -17.13 -15.63 -1.57
C PHE A 18 -16.62 -16.24 -2.91
N PRO A 19 -17.49 -16.39 -3.92
CA PRO A 19 -16.89 -16.88 -5.18
C PRO A 19 -15.81 -15.92 -5.75
N ILE A 20 -15.97 -14.61 -5.47
CA ILE A 20 -14.98 -13.61 -5.92
C ILE A 20 -13.66 -13.85 -5.15
N LEU A 21 -13.78 -14.08 -3.84
CA LEU A 21 -12.64 -14.40 -3.03
C LEU A 21 -11.92 -15.63 -3.63
N ASP A 22 -12.66 -16.71 -3.88
CA ASP A 22 -12.01 -17.92 -4.41
C ASP A 22 -11.33 -17.66 -5.74
N ASP A 23 -12.02 -17.02 -6.66
CA ASP A 23 -11.43 -16.62 -7.93
C ASP A 23 -10.15 -15.84 -7.80
N ILE A 24 -10.17 -14.75 -7.03
CA ILE A 24 -8.94 -13.99 -6.97
C ILE A 24 -7.79 -14.73 -6.29
N GLN A 25 -8.09 -15.54 -5.26
CA GLN A 25 -7.00 -16.29 -4.56
C GLN A 25 -6.32 -17.23 -5.50
N GLU A 26 -7.10 -17.91 -6.35
CA GLU A 26 -6.45 -18.83 -7.30
C GLU A 26 -5.88 -18.16 -8.53
N ASN A 27 -6.54 -17.12 -9.03
CA ASN A 27 -6.24 -16.61 -10.39
C ASN A 27 -5.63 -15.20 -10.48
N LEU A 28 -5.61 -14.46 -9.37
CA LEU A 28 -4.96 -13.16 -9.41
C LEU A 28 -3.72 -13.33 -8.55
N PHE A 29 -3.92 -13.97 -7.38
CA PHE A 29 -2.86 -14.10 -6.41
C PHE A 29 -2.10 -15.43 -6.53
N ASP A 30 -2.38 -16.18 -7.60
CA ASP A 30 -1.56 -17.33 -7.95
C ASP A 30 -1.43 -18.36 -6.77
N GLY A 31 -2.56 -18.68 -6.12
CA GLY A 31 -2.64 -19.63 -5.01
C GLY A 31 -2.52 -18.96 -3.62
N ALA A 32 -3.12 -17.78 -3.45
CA ALA A 32 -3.08 -17.11 -2.14
C ALA A 32 -1.65 -16.75 -1.66
N GLN A 33 -0.73 -16.44 -2.57
CA GLN A 33 0.58 -16.00 -2.17
C GLN A 33 0.64 -14.47 -1.94
N CYS A 34 1.59 -14.08 -1.11
CA CYS A 34 1.93 -12.69 -0.86
C CYS A 34 3.09 -12.25 -1.79
N GLY A 35 2.93 -12.39 -3.10
CA GLY A 35 3.96 -12.02 -4.07
C GLY A 35 3.62 -10.76 -4.84
N GLU A 36 4.13 -10.67 -6.06
CA GLU A 36 3.99 -9.50 -6.92
C GLU A 36 2.53 -9.00 -7.13
N GLU A 37 1.61 -9.90 -7.45
CA GLU A 37 0.24 -9.51 -7.76
C GLU A 37 -0.45 -8.87 -6.56
N VAL A 38 -0.17 -9.37 -5.36
CA VAL A 38 -0.65 -8.75 -4.14
C VAL A 38 -0.06 -7.32 -3.96
N HIS A 39 1.27 -7.17 -4.11
CA HIS A 39 1.93 -5.87 -4.03
C HIS A 39 1.32 -4.89 -5.01
N GLU A 40 1.13 -5.34 -6.25
CA GLU A 40 0.55 -4.51 -7.33
C GLU A 40 -0.84 -4.05 -6.97
N SER A 41 -1.67 -4.97 -6.45
CA SER A 41 -3.09 -4.64 -6.13
C SER A 41 -3.18 -3.68 -4.98
N LEU A 42 -2.23 -3.80 -4.04
CA LEU A 42 -2.16 -2.90 -2.94
C LEU A 42 -1.82 -1.48 -3.46
N ARG A 43 -0.86 -1.40 -4.39
CA ARG A 43 -0.48 -0.11 -4.99
C ARG A 43 -1.70 0.44 -5.71
N LEU A 44 -2.41 -0.43 -6.40
CA LEU A 44 -3.64 -0.01 -7.10
C LEU A 44 -4.71 0.66 -6.20
N THR A 45 -4.87 0.19 -4.95
CA THR A 45 -5.85 0.84 -4.01
C THR A 45 -5.52 2.28 -3.82
N PHE A 46 -4.26 2.61 -3.76
CA PHE A 46 -3.82 4.00 -3.53
C PHE A 46 -3.98 4.86 -4.81
N HIS A 47 -3.51 4.31 -5.93
CA HIS A 47 -3.60 5.00 -7.21
C HIS A 47 -5.07 5.24 -7.61
N ASP A 48 -5.96 4.28 -7.27
CA ASP A 48 -7.41 4.55 -7.42
C ASP A 48 -7.90 5.63 -6.42
N ALA A 49 -7.73 5.35 -5.13
CA ALA A 49 -8.28 6.19 -4.11
C ALA A 49 -7.81 7.66 -4.13
N ILE A 50 -6.51 7.89 -4.35
CA ILE A 50 -5.92 9.19 -4.19
C ILE A 50 -6.32 10.18 -5.31
N GLY A 51 -7.01 9.72 -6.35
CA GLY A 51 -7.56 10.66 -7.34
C GLY A 51 -8.84 11.30 -6.75
N PHE A 52 -8.62 12.21 -5.83
CA PHE A 52 -9.71 12.81 -5.08
C PHE A 52 -9.19 14.13 -4.57
N SER A 53 -9.86 15.19 -4.99
CA SER A 53 -9.40 16.52 -4.67
C SER A 53 -10.61 17.45 -4.55
N PRO A 54 -10.81 18.00 -3.35
CA PRO A 54 -11.90 18.93 -3.09
C PRO A 54 -12.09 19.95 -4.24
N THR A 55 -11.00 20.55 -4.71
CA THR A 55 -11.10 21.68 -5.64
C THR A 55 -11.16 21.17 -7.11
N LEU A 56 -10.52 20.02 -7.44
CA LEU A 56 -10.57 19.57 -8.84
C LEU A 56 -11.55 18.45 -9.12
N GLY A 57 -11.90 17.68 -8.09
CA GLY A 57 -12.79 16.50 -8.32
C GLY A 57 -12.09 15.18 -8.29
N GLY A 58 -12.62 14.19 -9.03
CA GLY A 58 -12.21 12.79 -8.81
C GLY A 58 -13.12 12.15 -7.74
N GLY A 59 -13.60 10.91 -7.91
CA GLY A 59 -14.41 10.29 -6.87
C GLY A 59 -13.66 9.39 -5.85
N GLY A 60 -12.34 9.54 -5.77
CA GLY A 60 -11.54 8.70 -4.90
C GLY A 60 -11.59 7.22 -5.19
N ALA A 61 -11.95 6.43 -4.18
CA ALA A 61 -11.90 4.97 -4.34
C ALA A 61 -13.20 4.56 -5.07
N ASP A 62 -13.21 4.71 -6.39
CA ASP A 62 -14.43 4.55 -7.21
C ASP A 62 -14.22 3.64 -8.43
N GLY A 63 -13.02 3.11 -8.62
CA GLY A 63 -12.77 2.23 -9.74
C GLY A 63 -12.44 2.97 -11.01
N SER A 64 -12.27 4.30 -10.94
CA SER A 64 -12.01 5.08 -12.15
C SER A 64 -10.71 4.69 -12.83
N ILE A 65 -9.76 4.18 -12.05
CA ILE A 65 -8.50 3.87 -12.67
C ILE A 65 -8.61 2.61 -13.59
N ILE A 66 -9.66 1.78 -13.39
CA ILE A 66 -10.02 0.75 -14.38
C ILE A 66 -11.01 1.23 -15.46
N ALA A 67 -12.17 1.72 -15.02
CA ALA A 67 -13.16 2.25 -15.93
C ALA A 67 -12.62 3.29 -16.95
N PHE A 68 -11.68 4.13 -16.50
CA PHE A 68 -11.05 5.17 -17.34
C PHE A 68 -9.58 4.97 -17.40
N ASP A 69 -9.17 3.68 -17.47
CA ASP A 69 -7.70 3.33 -17.58
C ASP A 69 -7.04 4.11 -18.72
N THR A 70 -7.77 4.29 -19.82
CA THR A 70 -7.19 4.97 -21.03
C THR A 70 -6.63 6.34 -20.71
N ILE A 71 -7.29 7.04 -19.81
CA ILE A 71 -6.88 8.36 -19.42
C ILE A 71 -5.85 8.24 -18.33
N GLU A 72 -6.23 7.62 -17.19
CA GLU A 72 -5.47 7.56 -15.98
C GLU A 72 -4.14 6.88 -16.11
N THR A 73 -4.04 5.83 -16.92
CA THR A 73 -2.72 5.20 -17.16
C THR A 73 -1.79 6.02 -18.08
N ASN A 74 -2.31 7.11 -18.63
CA ASN A 74 -1.47 8.08 -19.34
C ASN A 74 -0.71 9.01 -18.38
N PHE A 75 -1.14 9.12 -17.12
CA PHE A 75 -0.40 9.92 -16.10
C PHE A 75 0.94 9.27 -15.76
N PRO A 76 2.02 10.07 -15.84
CA PRO A 76 3.38 9.53 -15.56
C PRO A 76 3.44 8.78 -14.21
N ALA A 77 2.79 9.33 -13.17
CA ALA A 77 2.85 8.71 -11.84
C ALA A 77 2.09 7.38 -11.75
N ASN A 78 1.28 7.03 -12.76
CA ASN A 78 0.68 5.71 -12.89
C ASN A 78 1.52 4.80 -13.83
N ALA A 79 2.79 5.13 -13.98
CA ALA A 79 3.68 4.28 -14.76
C ALA A 79 3.66 2.86 -14.14
N GLY A 80 3.54 1.85 -15.02
CA GLY A 80 3.52 0.46 -14.58
C GLY A 80 2.17 -0.05 -14.10
N ILE A 81 1.21 0.84 -13.90
CA ILE A 81 -0.09 0.42 -13.36
C ILE A 81 -1.01 -0.34 -14.35
N ASP A 82 -0.72 -0.24 -15.64
CA ASP A 82 -1.55 -0.86 -16.70
C ASP A 82 -1.60 -2.35 -16.56
N GLU A 83 -0.49 -2.94 -16.08
CA GLU A 83 -0.37 -4.39 -15.98
C GLU A 83 -1.39 -4.94 -15.01
N ILE A 84 -1.45 -4.33 -13.83
CA ILE A 84 -2.38 -4.84 -12.82
C ILE A 84 -3.82 -4.45 -13.18
N VAL A 85 -4.03 -3.31 -13.88
CA VAL A 85 -5.38 -2.96 -14.33
C VAL A 85 -5.91 -3.98 -15.34
N SER A 86 -5.12 -4.32 -16.34
CA SER A 86 -5.56 -5.37 -17.29
C SER A 86 -5.68 -6.74 -16.65
N ALA A 87 -4.83 -7.06 -15.67
CA ALA A 87 -5.07 -8.28 -14.91
C ALA A 87 -6.42 -8.23 -14.16
N GLN A 88 -6.83 -7.05 -13.66
CA GLN A 88 -8.03 -7.05 -12.81
C GLN A 88 -9.36 -6.94 -13.57
N LYS A 89 -9.30 -6.26 -14.71
CA LYS A 89 -10.48 -5.88 -15.48
C LYS A 89 -11.38 -7.09 -15.82
N PRO A 90 -10.80 -8.19 -16.32
CA PRO A 90 -11.64 -9.41 -16.55
C PRO A 90 -12.45 -9.86 -15.31
N PHE A 91 -11.82 -9.90 -14.13
CA PHE A 91 -12.56 -10.18 -12.88
C PHE A 91 -13.75 -9.26 -12.72
N VAL A 92 -13.60 -7.99 -13.05
CA VAL A 92 -14.72 -7.09 -12.84
C VAL A 92 -15.85 -7.35 -13.89
N ALA A 93 -15.46 -7.62 -15.15
CA ALA A 93 -16.39 -7.98 -16.24
C ALA A 93 -17.16 -9.24 -15.83
N LYS A 94 -16.43 -10.26 -15.37
CA LYS A 94 -17.00 -11.55 -15.00
C LYS A 94 -17.89 -11.61 -13.74
N HIS A 95 -17.65 -10.75 -12.76
CA HIS A 95 -18.37 -10.86 -11.49
C HIS A 95 -19.33 -9.74 -11.32
N ASN A 96 -20.09 -9.74 -10.27
CA ASN A 96 -21.06 -8.69 -10.24
C ASN A 96 -20.78 -7.61 -9.23
N ILE A 97 -19.54 -7.13 -9.16
CA ILE A 97 -19.27 -6.02 -8.26
C ILE A 97 -18.70 -4.80 -8.93
N SER A 98 -18.91 -3.62 -8.38
CA SER A 98 -18.36 -2.46 -9.04
C SER A 98 -16.81 -2.57 -9.06
N ALA A 99 -16.18 -1.86 -9.99
CA ALA A 99 -14.72 -1.74 -10.06
C ALA A 99 -14.10 -1.12 -8.79
N GLY A 100 -14.78 -0.14 -8.21
CA GLY A 100 -14.36 0.46 -6.93
C GLY A 100 -14.27 -0.59 -5.79
N ASP A 101 -15.33 -1.36 -5.64
CA ASP A 101 -15.45 -2.47 -4.71
C ASP A 101 -14.34 -3.53 -4.98
N PHE A 102 -14.17 -3.91 -6.24
CA PHE A 102 -13.23 -4.97 -6.60
C PHE A 102 -11.79 -4.60 -6.26
N ILE A 103 -11.36 -3.40 -6.66
CA ILE A 103 -10.00 -2.90 -6.33
C ILE A 103 -9.75 -2.94 -4.81
N GLN A 104 -10.69 -2.45 -4.00
CA GLN A 104 -10.49 -2.46 -2.53
C GLN A 104 -10.53 -3.87 -1.94
N PHE A 105 -11.41 -4.71 -2.49
CA PHE A 105 -11.56 -6.07 -1.98
C PHE A 105 -10.32 -6.90 -2.29
N ALA A 106 -9.81 -6.81 -3.51
CA ALA A 106 -8.61 -7.52 -3.89
C ALA A 106 -7.37 -7.02 -3.13
N GLY A 107 -7.24 -5.70 -2.97
CA GLY A 107 -6.14 -5.16 -2.10
C GLY A 107 -6.21 -5.76 -0.65
N ALA A 108 -7.40 -5.77 -0.03
CA ALA A 108 -7.59 -6.27 1.32
C ALA A 108 -7.38 -7.78 1.43
N VAL A 109 -7.94 -8.50 0.45
CA VAL A 109 -7.71 -9.95 0.38
C VAL A 109 -6.20 -10.24 0.23
N GLY A 110 -5.56 -9.48 -0.65
CA GLY A 110 -4.13 -9.66 -0.86
C GLY A 110 -3.29 -9.45 0.37
N VAL A 111 -3.46 -8.33 1.02
CA VAL A 111 -2.72 -8.03 2.23
C VAL A 111 -2.93 -9.14 3.29
N SER A 112 -4.13 -9.77 3.29
CA SER A 112 -4.39 -10.86 4.27
C SER A 112 -3.55 -12.14 4.00
N ASN A 113 -2.94 -12.27 2.79
CA ASN A 113 -1.96 -13.35 2.46
C ASN A 113 -0.56 -13.13 3.06
N CYS A 114 -0.28 -11.95 3.61
CA CYS A 114 1.07 -11.66 4.08
C CYS A 114 1.28 -11.85 5.58
N PRO A 115 2.29 -12.63 5.96
CA PRO A 115 2.54 -12.81 7.41
C PRO A 115 2.65 -11.42 8.06
N GLY A 116 2.05 -11.25 9.24
CA GLY A 116 2.09 -9.98 9.91
C GLY A 116 0.97 -9.06 9.47
N GLY A 117 0.18 -9.49 8.51
CA GLY A 117 -0.75 -8.54 7.85
C GLY A 117 -2.01 -8.36 8.67
N VAL A 118 -2.97 -7.64 8.10
CA VAL A 118 -4.15 -7.32 8.86
C VAL A 118 -5.34 -7.54 7.93
N ARG A 119 -6.52 -7.43 8.50
CA ARG A 119 -7.75 -7.48 7.69
C ARG A 119 -8.22 -6.03 7.63
N ILE A 120 -8.01 -5.43 6.47
CA ILE A 120 -8.52 -4.10 6.25
C ILE A 120 -10.07 -4.14 6.24
N PRO A 121 -10.69 -3.33 7.08
CA PRO A 121 -12.17 -3.28 7.03
C PRO A 121 -12.63 -3.10 5.55
N PHE A 122 -13.58 -3.91 5.11
CA PHE A 122 -14.07 -3.83 3.72
C PHE A 122 -15.58 -3.60 3.65
N PHE A 123 -16.04 -2.62 2.83
CA PHE A 123 -17.46 -2.29 2.69
C PHE A 123 -17.93 -2.43 1.29
N LEU A 124 -19.14 -2.95 1.12
CA LEU A 124 -19.67 -3.31 -0.22
C LEU A 124 -20.73 -2.26 -0.66
N GLY A 125 -20.65 -1.89 -1.94
CA GLY A 125 -21.72 -1.16 -2.64
C GLY A 125 -21.38 0.14 -3.40
N ARG A 126 -20.08 0.34 -3.71
CA ARG A 126 -19.62 1.54 -4.37
C ARG A 126 -20.25 1.61 -5.75
N PRO A 127 -20.89 2.75 -6.03
CA PRO A 127 -21.48 2.90 -7.39
C PRO A 127 -20.32 2.95 -8.40
N ASP A 128 -20.55 2.56 -9.64
CA ASP A 128 -19.62 2.75 -10.70
C ASP A 128 -19.11 4.17 -10.72
N ALA A 129 -17.84 4.32 -11.12
CA ALA A 129 -17.18 5.63 -11.38
C ALA A 129 -17.93 6.45 -12.42
N VAL A 130 -17.94 7.75 -12.23
CA VAL A 130 -18.68 8.62 -13.16
C VAL A 130 -17.79 9.70 -13.73
N ALA A 131 -16.51 9.73 -13.34
CA ALA A 131 -15.56 10.67 -13.94
C ALA A 131 -14.15 10.12 -13.74
N ALA A 132 -13.27 10.48 -14.68
CA ALA A 132 -11.84 10.25 -14.57
C ALA A 132 -11.27 11.16 -13.44
N SER A 133 -10.26 10.65 -12.73
CA SER A 133 -9.49 11.47 -11.81
C SER A 133 -8.84 12.63 -12.60
N PRO A 134 -8.83 13.83 -12.02
CA PRO A 134 -7.97 14.88 -12.55
C PRO A 134 -6.53 14.38 -12.66
N ASP A 135 -5.74 15.04 -13.52
CA ASP A 135 -4.30 14.80 -13.66
C ASP A 135 -3.48 15.31 -12.44
N HIS A 136 -2.28 14.73 -12.23
CA HIS A 136 -1.33 15.28 -11.24
C HIS A 136 -1.79 15.18 -9.81
N LEU A 137 -2.50 14.11 -9.45
CA LEU A 137 -2.97 14.04 -8.04
C LEU A 137 -2.22 12.90 -7.30
N VAL A 138 -1.42 12.13 -8.04
CA VAL A 138 -0.74 11.00 -7.39
C VAL A 138 0.69 11.43 -7.08
N PRO A 139 1.09 11.33 -5.79
CA PRO A 139 2.49 11.73 -5.41
C PRO A 139 3.56 10.90 -6.08
N GLY A 140 4.74 11.46 -6.34
CA GLY A 140 5.84 10.64 -6.82
C GLY A 140 7.09 10.68 -5.95
N PRO A 141 8.04 9.76 -6.22
CA PRO A 141 9.29 9.60 -5.40
C PRO A 141 10.26 10.79 -5.46
N PHE A 142 10.08 11.72 -6.41
CA PHE A 142 10.94 12.89 -6.59
C PHE A 142 10.30 14.14 -6.00
N ASP A 143 9.04 14.03 -5.55
CA ASP A 143 8.39 15.14 -4.82
C ASP A 143 8.97 15.36 -3.44
N SER A 144 8.90 16.61 -2.98
CA SER A 144 9.47 16.96 -1.72
C SER A 144 8.48 16.48 -0.71
N VAL A 145 8.93 16.34 0.53
CA VAL A 145 8.07 16.10 1.67
C VAL A 145 6.88 17.07 1.79
N ASP A 146 7.12 18.37 1.54
CA ASP A 146 6.07 19.41 1.69
C ASP A 146 4.98 19.21 0.69
N SER A 147 5.37 18.88 -0.54
CA SER A 147 4.48 18.63 -1.59
C SER A 147 3.68 17.31 -1.33
N ILE A 148 4.35 16.25 -0.82
CA ILE A 148 3.68 14.98 -0.57
C ILE A 148 2.68 15.17 0.54
N LEU A 149 3.11 15.75 1.65
CA LEU A 149 2.21 16.11 2.73
C LEU A 149 1.06 17.00 2.30
N ALA A 150 1.32 18.00 1.44
CA ALA A 150 0.19 18.90 1.07
C ALA A 150 -0.82 18.16 0.22
N ARG A 151 -0.36 17.35 -0.72
CA ARG A 151 -1.25 16.49 -1.52
C ARG A 151 -2.07 15.52 -0.62
N MET A 152 -1.40 14.76 0.25
CA MET A 152 -2.11 13.78 1.08
C MET A 152 -3.06 14.50 2.02
N GLY A 153 -2.59 15.66 2.55
CA GLY A 153 -3.39 16.54 3.45
C GLY A 153 -4.64 17.01 2.69
N ASP A 154 -4.45 17.40 1.43
CA ASP A 154 -5.59 17.79 0.59
C ASP A 154 -6.63 16.62 0.45
N ALA A 155 -6.16 15.39 0.40
CA ALA A 155 -7.12 14.28 0.31
C ALA A 155 -7.60 13.81 1.69
N GLY A 156 -7.13 14.43 2.78
CA GLY A 156 -7.74 14.15 4.10
C GLY A 156 -6.78 13.42 5.05
N PHE A 157 -5.52 13.23 4.66
CA PHE A 157 -4.51 12.55 5.49
C PHE A 157 -3.52 13.50 6.17
N SER A 158 -3.38 13.37 7.48
CA SER A 158 -2.34 14.13 8.19
C SER A 158 -0.99 13.45 7.99
N PRO A 159 0.10 14.17 8.32
CA PRO A 159 1.43 13.62 8.23
C PRO A 159 1.61 12.25 8.94
N VAL A 160 1.12 12.07 10.16
CA VAL A 160 1.27 10.75 10.81
C VAL A 160 0.54 9.66 10.01
N GLU A 161 -0.59 10.01 9.39
CA GLU A 161 -1.34 9.02 8.61
C GLU A 161 -0.64 8.66 7.33
N VAL A 162 0.15 9.59 6.78
CA VAL A 162 0.93 9.31 5.59
C VAL A 162 1.96 8.27 5.95
N VAL A 163 2.52 8.39 7.16
CA VAL A 163 3.50 7.46 7.67
C VAL A 163 2.93 6.04 7.85
N TRP A 164 1.77 5.95 8.51
CA TRP A 164 1.09 4.69 8.69
C TRP A 164 0.81 4.03 7.36
N LEU A 165 0.28 4.78 6.42
CA LEU A 165 0.00 4.25 5.07
C LEU A 165 1.21 3.66 4.38
N LEU A 166 2.37 4.28 4.64
CA LEU A 166 3.65 3.82 4.07
C LEU A 166 4.19 2.46 4.63
N ALA A 167 3.57 1.95 5.69
CA ALA A 167 3.81 0.52 6.04
C ALA A 167 3.57 -0.39 4.81
N SER A 168 2.77 0.06 3.84
CA SER A 168 2.55 -0.73 2.61
C SER A 168 3.90 -1.02 1.87
N HIS A 169 4.86 -0.14 2.06
CA HIS A 169 6.17 -0.28 1.41
C HIS A 169 6.96 -1.39 2.07
N SER A 170 6.43 -1.94 3.17
CA SER A 170 6.98 -3.18 3.75
C SER A 170 6.76 -4.39 2.87
N ILE A 171 5.81 -4.28 1.94
CA ILE A 171 5.59 -5.36 0.98
C ILE A 171 5.61 -4.86 -0.47
N ALA A 172 6.78 -4.49 -0.95
CA ALA A 172 6.85 -3.62 -2.16
C ALA A 172 8.18 -3.68 -2.87
N ALA A 173 8.14 -3.47 -4.16
CA ALA A 173 9.35 -3.43 -4.98
C ALA A 173 9.11 -2.38 -6.07
N ALA A 174 10.15 -1.97 -6.78
CA ALA A 174 10.03 -1.01 -7.87
C ALA A 174 10.44 -1.66 -9.20
N ASP A 175 9.73 -1.32 -10.28
CA ASP A 175 10.07 -1.76 -11.64
C ASP A 175 10.54 -0.63 -12.54
N LYS A 176 10.05 0.57 -12.26
CA LYS A 176 10.21 1.70 -13.18
C LYS A 176 11.26 2.70 -12.71
N VAL A 177 11.49 2.78 -11.40
CA VAL A 177 12.44 3.77 -10.86
C VAL A 177 13.85 3.50 -11.44
N ASP A 178 14.25 2.21 -11.48
CA ASP A 178 15.47 1.78 -12.13
C ASP A 178 15.12 0.56 -12.98
N PRO A 179 14.83 0.78 -14.27
CA PRO A 179 14.39 -0.34 -15.12
C PRO A 179 15.48 -1.38 -15.40
N SER A 180 16.74 -1.16 -14.98
CA SER A 180 17.74 -2.21 -15.14
C SER A 180 17.64 -3.27 -14.05
N ILE A 181 16.94 -2.95 -12.94
CA ILE A 181 16.82 -3.91 -11.84
C ILE A 181 15.35 -4.03 -11.40
N PRO A 182 14.45 -4.43 -12.30
CA PRO A 182 13.04 -4.42 -11.94
C PRO A 182 12.81 -5.42 -10.80
N GLY A 183 11.85 -5.17 -9.87
CA GLY A 183 11.54 -6.15 -8.81
C GLY A 183 12.41 -6.03 -7.55
N THR A 184 13.27 -5.02 -7.49
CA THR A 184 14.07 -4.80 -6.29
C THR A 184 13.24 -4.16 -5.19
N PRO A 185 13.20 -4.81 -4.00
CA PRO A 185 12.21 -4.52 -2.92
C PRO A 185 12.59 -3.29 -2.13
N PHE A 186 11.63 -2.68 -1.40
CA PHE A 186 11.93 -1.51 -0.53
C PHE A 186 12.44 -1.93 0.82
N ASP A 187 12.21 -3.17 1.17
CA ASP A 187 12.84 -3.68 2.42
C ASP A 187 13.30 -5.11 2.24
N SER A 188 13.93 -5.69 3.27
CA SER A 188 14.54 -7.01 3.08
C SER A 188 13.54 -8.15 3.14
N THR A 189 12.27 -7.85 3.44
CA THR A 189 11.29 -8.88 3.55
C THR A 189 10.01 -8.47 2.77
N PRO A 190 10.10 -8.36 1.45
CA PRO A 190 8.97 -7.87 0.67
C PRO A 190 7.76 -8.86 0.73
N GLU A 191 7.94 -10.09 1.24
CA GLU A 191 6.78 -10.98 1.43
C GLU A 191 6.26 -11.00 2.88
N VAL A 192 6.64 -10.02 3.70
CA VAL A 192 6.35 -10.01 5.12
C VAL A 192 5.95 -8.58 5.48
N PHE A 193 4.76 -8.43 6.08
CA PHE A 193 4.30 -7.13 6.42
C PHE A 193 4.80 -6.85 7.85
N ASP A 194 5.97 -6.21 7.92
CA ASP A 194 6.67 -6.01 9.19
C ASP A 194 7.34 -4.65 9.19
N SER A 195 8.18 -4.39 10.21
CA SER A 195 8.75 -3.08 10.37
C SER A 195 10.12 -2.90 9.71
N GLN A 196 10.62 -3.91 8.98
CA GLN A 196 11.91 -3.80 8.36
C GLN A 196 12.02 -2.56 7.47
N PHE A 197 10.92 -2.16 6.85
CA PHE A 197 10.91 -0.98 5.99
C PHE A 197 11.27 0.30 6.77
N PHE A 198 10.72 0.48 7.96
CA PHE A 198 10.99 1.70 8.73
C PHE A 198 12.40 1.69 9.32
N ILE A 199 12.94 0.46 9.56
CA ILE A 199 14.25 0.30 10.06
C ILE A 199 15.24 0.63 8.93
N GLU A 200 15.03 -0.02 7.76
CA GLU A 200 16.06 -0.04 6.72
C GLU A 200 16.18 1.29 5.98
N THR A 201 15.08 2.03 5.88
CA THR A 201 15.11 3.36 5.25
C THR A 201 15.82 4.35 6.19
N GLN A 202 16.09 3.94 7.44
CA GLN A 202 16.74 4.79 8.38
C GLN A 202 18.27 4.64 8.34
N LEU A 203 18.74 3.63 7.63
CA LEU A 203 20.20 3.40 7.57
C LEU A 203 20.79 4.44 6.61
N LYS A 204 22.06 4.80 6.81
CA LYS A 204 22.81 5.60 5.81
C LYS A 204 22.86 4.93 4.46
N GLY A 205 22.61 5.70 3.40
CA GLY A 205 22.79 5.14 2.07
C GLY A 205 24.24 4.76 1.81
N ARG A 206 24.46 3.66 1.08
CA ARG A 206 25.81 3.16 0.76
C ARG A 206 26.10 3.07 -0.75
N LEU A 207 25.09 2.75 -1.54
CA LEU A 207 25.34 2.38 -2.90
C LEU A 207 24.04 2.47 -3.71
N PHE A 208 24.17 2.30 -5.02
CA PHE A 208 23.02 2.21 -5.86
C PHE A 208 22.93 0.76 -6.37
N PRO A 209 21.78 0.11 -6.12
CA PRO A 209 21.56 -1.31 -6.44
C PRO A 209 21.77 -1.57 -7.97
N GLY A 210 21.49 -0.57 -8.81
CA GLY A 210 21.68 -0.73 -10.27
C GLY A 210 22.42 0.47 -10.80
N THR A 211 21.81 1.27 -11.67
CA THR A 211 22.46 2.54 -12.13
C THR A 211 22.27 3.69 -11.16
N ALA A 212 23.06 4.74 -11.32
CA ALA A 212 23.12 5.82 -10.31
C ALA A 212 22.37 7.10 -10.70
N ASP A 213 21.89 7.19 -11.91
CA ASP A 213 21.37 8.52 -12.34
C ASP A 213 19.79 8.67 -12.22
N ASN A 214 19.13 7.91 -11.34
CA ASN A 214 17.71 7.70 -11.55
C ASN A 214 16.95 8.68 -10.74
N LYS A 215 16.07 9.42 -11.41
CA LYS A 215 15.21 10.38 -10.76
C LYS A 215 14.25 9.71 -9.76
N GLY A 216 14.10 10.29 -8.58
CA GLY A 216 13.27 9.72 -7.51
C GLY A 216 13.95 8.63 -6.64
N GLU A 217 15.25 8.42 -6.81
CA GLU A 217 15.92 7.31 -6.14
C GLU A 217 17.05 7.81 -5.26
N ALA A 218 17.22 7.21 -4.09
CA ALA A 218 18.28 7.61 -3.15
C ALA A 218 19.24 6.42 -3.07
N GLN A 219 20.40 6.60 -2.47
CA GLN A 219 21.32 5.51 -2.26
C GLN A 219 20.64 4.55 -1.30
N SER A 220 20.75 3.26 -1.60
CA SER A 220 20.28 2.22 -0.73
C SER A 220 21.36 1.82 0.34
N PRO A 221 20.93 1.27 1.50
CA PRO A 221 21.91 0.74 2.42
C PRO A 221 22.36 -0.69 2.05
N LEU A 222 21.78 -1.33 1.04
CA LEU A 222 22.01 -2.77 0.77
C LEU A 222 21.92 -3.09 -0.68
N GLN A 223 22.86 -3.92 -1.17
CA GLN A 223 22.82 -4.38 -2.57
C GLN A 223 21.50 -5.12 -2.58
N GLY A 224 20.68 -5.08 -3.58
CA GLY A 224 19.45 -5.94 -3.20
C GLY A 224 18.24 -5.23 -2.55
N GLU A 225 18.38 -3.95 -2.25
CA GLU A 225 17.26 -3.14 -1.81
C GLU A 225 17.36 -1.80 -2.55
N ILE A 226 16.23 -1.24 -2.92
CA ILE A 226 16.19 0.06 -3.59
C ILE A 226 15.55 1.08 -2.63
N ARG A 227 15.95 2.33 -2.73
CA ARG A 227 15.37 3.32 -1.84
C ARG A 227 14.82 4.52 -2.61
N LEU A 228 13.57 4.91 -2.28
CA LEU A 228 12.93 6.10 -2.93
C LEU A 228 13.45 7.32 -2.23
N GLN A 229 13.71 8.37 -2.99
CA GLN A 229 14.10 9.62 -2.40
C GLN A 229 13.04 10.14 -1.44
N SER A 230 11.78 9.92 -1.79
CA SER A 230 10.68 10.38 -0.93
C SER A 230 10.73 9.68 0.48
N ASP A 231 10.92 8.34 0.47
CA ASP A 231 11.08 7.58 1.72
C ASP A 231 12.33 8.04 2.48
N HIS A 232 13.43 8.22 1.75
CA HIS A 232 14.64 8.80 2.32
C HIS A 232 14.36 10.09 3.10
N LEU A 233 13.70 11.06 2.44
CA LEU A 233 13.37 12.37 3.06
C LEU A 233 12.30 12.28 4.17
N LEU A 234 11.25 11.46 3.98
CA LEU A 234 10.20 11.31 5.01
C LEU A 234 10.72 10.73 6.30
N ALA A 235 11.73 9.86 6.21
CA ALA A 235 12.27 9.19 7.38
C ALA A 235 13.14 10.15 8.19
N ARG A 236 13.49 11.30 7.60
CA ARG A 236 14.46 12.22 8.18
C ARG A 236 13.86 13.60 8.35
N ASP A 237 12.68 13.84 7.76
CA ASP A 237 12.04 15.14 7.88
C ASP A 237 11.48 15.39 9.31
N PRO A 238 11.77 16.57 9.88
CA PRO A 238 11.28 16.94 11.23
C PRO A 238 9.75 16.77 11.33
N GLN A 239 9.03 16.85 10.21
CA GLN A 239 7.55 16.65 10.29
C GLN A 239 7.18 15.18 10.45
N THR A 240 8.03 14.26 10.00
CA THR A 240 7.60 12.86 9.93
C THR A 240 8.54 11.87 10.60
N ALA A 241 9.79 12.30 10.90
CA ALA A 241 10.86 11.45 11.46
C ALA A 241 10.49 10.69 12.73
N CYS A 242 9.91 11.41 13.69
CA CYS A 242 9.51 10.77 14.92
C CYS A 242 8.42 9.70 14.73
N GLU A 243 7.45 9.93 13.84
CA GLU A 243 6.37 8.95 13.65
C GLU A 243 6.95 7.72 12.93
N TRP A 244 7.80 8.00 11.95
CA TRP A 244 8.55 6.99 11.20
C TRP A 244 9.26 6.01 12.13
N GLN A 245 10.14 6.56 12.98
CA GLN A 245 10.88 5.76 13.96
C GLN A 245 9.94 5.07 14.98
N SER A 246 8.80 5.69 15.33
CA SER A 246 7.90 5.08 16.31
C SER A 246 7.28 3.76 15.75
N MET A 247 7.41 3.52 14.43
CA MET A 247 6.86 2.28 13.81
C MET A 247 7.81 1.09 13.99
N VAL A 248 9.07 1.41 14.27
CA VAL A 248 10.13 0.42 14.31
C VAL A 248 9.91 -0.50 15.47
N ASN A 249 9.97 -1.79 15.23
CA ASN A 249 9.81 -2.76 16.31
C ASN A 249 8.50 -2.45 17.05
N ASN A 250 7.49 -2.04 16.30
CA ASN A 250 6.20 -1.76 16.89
C ASN A 250 5.11 -2.32 16.00
N GLN A 251 5.14 -3.63 15.80
CA GLN A 251 4.11 -4.25 14.92
C GLN A 251 2.62 -4.04 15.36
N PRO A 252 2.31 -4.02 16.69
CA PRO A 252 0.90 -3.69 17.06
C PRO A 252 0.48 -2.31 16.53
N LYS A 253 1.32 -1.31 16.60
CA LYS A 253 0.96 -0.01 16.04
C LYS A 253 0.82 -0.06 14.50
N ILE A 254 1.80 -0.61 13.78
CA ILE A 254 1.73 -0.81 12.34
C ILE A 254 0.41 -1.52 11.96
N GLN A 255 0.03 -2.59 12.69
CA GLN A 255 -1.20 -3.29 12.37
C GLN A 255 -2.46 -2.40 12.55
N ASN A 256 -2.66 -1.91 13.78
CA ASN A 256 -3.72 -1.00 14.10
C ASN A 256 -3.82 0.22 13.10
N ARG A 257 -2.74 0.95 12.88
CA ARG A 257 -2.83 2.17 12.10
C ARG A 257 -3.03 1.93 10.60
N PHE A 258 -2.41 0.87 10.09
CA PHE A 258 -2.54 0.48 8.70
C PHE A 258 -3.95 0.03 8.32
N ALA A 259 -4.56 -0.79 9.18
CA ALA A 259 -5.94 -1.21 8.94
C ALA A 259 -6.92 -0.01 8.98
N ALA A 260 -6.81 0.83 9.97
CA ALA A 260 -7.70 1.98 10.12
C ALA A 260 -7.44 2.97 8.96
N THR A 261 -6.17 3.34 8.74
CA THR A 261 -5.85 4.29 7.67
C THR A 261 -6.17 3.78 6.23
N MET A 262 -5.89 2.53 5.95
CA MET A 262 -6.33 1.97 4.68
C MET A 262 -7.87 2.02 4.53
N SER A 263 -8.56 1.77 5.63
CA SER A 263 -9.99 1.81 5.60
C SER A 263 -10.49 3.20 5.21
N LYS A 264 -9.95 4.23 5.88
CA LYS A 264 -10.29 5.60 5.53
C LYS A 264 -9.98 5.80 4.02
N MET A 265 -8.81 5.36 3.57
CA MET A 265 -8.46 5.52 2.17
C MET A 265 -9.36 4.74 1.19
N ALA A 266 -9.70 3.52 1.55
CA ALA A 266 -10.63 2.74 0.78
C ALA A 266 -12.03 3.45 0.63
N LEU A 267 -12.28 4.48 1.46
CA LEU A 267 -13.61 5.13 1.51
C LEU A 267 -13.57 6.59 1.03
N LEU A 268 -12.43 7.01 0.48
CA LEU A 268 -12.32 8.30 -0.12
C LEU A 268 -13.32 8.42 -1.24
N GLY A 269 -14.17 9.44 -1.14
CA GLY A 269 -15.21 9.73 -2.11
C GLY A 269 -16.48 8.93 -1.85
N GLN A 270 -16.53 8.25 -0.69
CA GLN A 270 -17.62 7.30 -0.44
C GLN A 270 -18.22 7.56 0.93
N ASP A 271 -19.37 6.95 1.23
CA ASP A 271 -20.02 7.11 2.55
C ASP A 271 -20.34 5.74 3.08
N LYS A 272 -19.68 5.33 4.16
CA LYS A 272 -19.77 3.94 4.63
C LYS A 272 -21.18 3.58 5.15
N THR A 273 -21.92 4.56 5.65
CA THR A 273 -23.31 4.30 6.13
C THR A 273 -24.20 3.96 4.94
N LYS A 274 -23.86 4.36 3.72
CA LYS A 274 -24.61 3.89 2.53
C LYS A 274 -24.13 2.52 2.02
N LEU A 275 -23.19 1.91 2.74
CA LEU A 275 -22.53 0.72 2.23
C LEU A 275 -22.68 -0.37 3.25
N ILE A 276 -22.43 -1.59 2.86
CA ILE A 276 -22.62 -2.76 3.73
C ILE A 276 -21.28 -3.28 4.21
N ASP A 277 -21.14 -3.52 5.50
CA ASP A 277 -19.91 -4.02 6.07
C ASP A 277 -19.72 -5.51 5.73
N CYS A 278 -18.62 -5.85 5.04
CA CYS A 278 -18.35 -7.24 4.66
C CYS A 278 -16.91 -7.59 5.13
N SER A 279 -16.47 -6.98 6.23
CA SER A 279 -15.13 -7.17 6.77
C SER A 279 -14.79 -8.61 7.05
N ASP A 280 -15.74 -9.38 7.57
CA ASP A 280 -15.46 -10.73 8.05
C ASP A 280 -15.27 -11.71 6.89
N VAL A 281 -15.38 -11.23 5.66
CA VAL A 281 -15.14 -12.06 4.54
C VAL A 281 -13.59 -12.11 4.22
N ILE A 282 -12.84 -11.09 4.64
CA ILE A 282 -11.40 -11.11 4.43
C ILE A 282 -10.81 -12.24 5.27
N PRO A 283 -9.86 -13.05 4.68
CA PRO A 283 -9.12 -14.12 5.39
C PRO A 283 -8.33 -13.61 6.58
N THR A 284 -8.07 -14.51 7.52
CA THR A 284 -7.18 -14.27 8.68
C THR A 284 -5.69 -14.43 8.25
N PRO A 285 -4.91 -13.33 8.32
CA PRO A 285 -3.49 -13.37 7.91
C PRO A 285 -2.69 -14.24 8.85
N PRO A 286 -1.52 -14.76 8.37
CA PRO A 286 -0.55 -15.40 9.24
C PRO A 286 0.10 -14.37 10.17
N ALA A 287 0.57 -14.82 11.34
CA ALA A 287 1.29 -13.92 12.23
C ALA A 287 2.78 -13.93 11.84
N LEU A 288 3.53 -12.92 12.35
CA LEU A 288 4.99 -12.97 12.32
C LEU A 288 5.51 -14.05 13.28
N VAL A 289 6.69 -14.57 13.02
CA VAL A 289 7.43 -15.37 13.98
C VAL A 289 8.81 -14.81 14.33
N GLY A 290 9.43 -14.03 13.44
CA GLY A 290 10.82 -13.58 13.61
C GLY A 290 10.90 -12.14 14.14
N ALA A 291 11.91 -11.85 15.00
CA ALA A 291 12.02 -10.53 15.59
C ALA A 291 12.48 -9.45 14.58
N ALA A 292 12.07 -8.19 14.83
CA ALA A 292 12.65 -7.08 14.07
C ALA A 292 14.14 -6.98 14.35
N HIS A 293 14.88 -6.44 13.39
CA HIS A 293 16.35 -6.48 13.49
C HIS A 293 16.96 -5.51 12.49
N LEU A 294 18.16 -5.06 12.80
CA LEU A 294 19.01 -4.44 11.83
C LEU A 294 19.53 -5.59 10.92
N PRO A 295 19.80 -5.29 9.67
CA PRO A 295 20.51 -6.32 8.90
C PRO A 295 21.80 -6.76 9.63
N ALA A 296 22.18 -8.03 9.47
CA ALA A 296 23.37 -8.56 10.09
C ALA A 296 24.61 -7.76 9.71
N GLY A 297 25.46 -7.55 10.69
CA GLY A 297 26.69 -6.81 10.59
C GLY A 297 26.47 -5.28 10.55
N PHE A 298 25.23 -4.80 10.76
CA PHE A 298 25.01 -3.34 10.87
C PHE A 298 24.81 -3.00 12.34
N SER A 299 25.10 -1.77 12.71
CA SER A 299 24.89 -1.39 14.09
C SER A 299 24.26 -0.03 14.19
N LEU A 300 24.05 0.41 15.39
CA LEU A 300 23.42 1.71 15.64
C LEU A 300 24.11 2.87 14.96
N SER A 301 25.42 2.85 14.91
CA SER A 301 26.20 3.84 14.18
C SER A 301 25.88 3.91 12.67
N ASP A 302 25.27 2.87 12.14
CA ASP A 302 24.82 2.86 10.73
C ASP A 302 23.49 3.56 10.51
N VAL A 303 22.80 3.86 11.62
CA VAL A 303 21.52 4.53 11.63
C VAL A 303 21.60 6.07 11.65
N GLU A 304 20.92 6.74 10.71
CA GLU A 304 20.86 8.19 10.73
C GLU A 304 19.70 8.62 11.63
N GLN A 305 19.93 8.66 12.94
CA GLN A 305 18.84 9.02 13.90
C GLN A 305 18.29 10.40 13.60
N ALA A 306 16.96 10.54 13.41
CA ALA A 306 16.36 11.81 13.05
C ALA A 306 15.30 12.26 14.00
N CYS A 307 15.10 11.53 15.10
CA CYS A 307 14.11 11.98 16.10
C CYS A 307 14.78 12.48 17.40
N ALA A 308 14.72 13.80 17.56
CA ALA A 308 15.42 14.50 18.67
C ALA A 308 14.81 14.15 20.04
N ALA A 309 13.52 13.85 20.08
CA ALA A 309 12.89 13.50 21.36
C ALA A 309 13.18 12.08 21.83
N THR A 310 13.54 11.14 20.95
CA THR A 310 13.52 9.71 21.29
C THR A 310 14.61 9.02 20.52
N PRO A 311 15.58 8.41 21.19
CA PRO A 311 16.63 7.74 20.42
C PRO A 311 16.10 6.49 19.77
N PHE A 312 16.72 6.10 18.65
CA PHE A 312 16.36 4.94 17.85
C PHE A 312 16.52 3.72 18.74
N PRO A 313 15.53 2.79 18.73
CA PRO A 313 15.57 1.63 19.64
C PRO A 313 16.77 0.73 19.36
N ALA A 314 17.31 0.12 20.41
CA ALA A 314 18.48 -0.77 20.31
C ALA A 314 18.00 -2.14 19.80
N LEU A 315 18.18 -2.41 18.52
CA LEU A 315 17.71 -3.68 18.00
C LEU A 315 18.95 -4.56 17.96
N THR A 316 18.78 -5.87 18.13
CA THR A 316 19.82 -6.85 17.61
C THR A 316 20.04 -6.78 16.04
N ALA A 317 21.24 -7.24 15.60
CA ALA A 317 21.72 -7.25 14.17
C ALA A 317 22.26 -8.64 13.73
CHA HEM B . 5.36 1.05 -5.01
CHB HEM B . 6.06 5.92 -4.50
CHC HEM B . 2.56 5.91 -1.09
CHD HEM B . 1.62 1.10 -1.86
C1A HEM B . 5.76 2.40 -5.25
C2A HEM B . 6.77 2.78 -6.27
C3A HEM B . 7.00 4.18 -6.11
C4A HEM B . 6.12 4.56 -4.98
CMA HEM B . 7.90 5.08 -6.93
CAA HEM B . 7.45 1.92 -7.26
CBA HEM B . 6.73 1.89 -8.59
CGA HEM B . 7.64 1.25 -9.64
O1A HEM B . 8.63 1.95 -10.12
O2A HEM B . 7.36 0.07 -9.96
C1B HEM B . 5.17 6.32 -3.44
C2B HEM B . 5.16 7.71 -2.99
C3B HEM B . 4.12 7.70 -2.01
C4B HEM B . 3.62 6.31 -1.95
CMB HEM B . 5.96 8.89 -3.48
CAB HEM B . 3.66 8.89 -1.26
CBB HEM B . 2.98 8.76 -0.11
C1C HEM B . 1.90 4.61 -1.12
C2C HEM B . 0.66 4.31 -0.38
C3C HEM B . 0.40 2.92 -0.59
C4C HEM B . 1.44 2.45 -1.48
CMC HEM B . -0.19 5.21 0.47
CAC HEM B . -0.75 2.24 0.04
CBC HEM B . -1.30 1.21 -0.46
C1D HEM B . 2.68 0.65 -2.73
C2D HEM B . 2.89 -0.79 -2.99
C3D HEM B . 4.01 -0.80 -3.93
C4D HEM B . 4.34 0.62 -4.09
CMD HEM B . 2.15 -1.96 -2.42
CAD HEM B . 4.67 -1.99 -4.56
CBD HEM B . 4.10 -2.32 -5.90
CGD HEM B . 4.69 -3.61 -6.44
O1D HEM B . 4.22 -4.05 -7.50
O2D HEM B . 5.65 -4.17 -5.86
NA HEM B . 5.31 3.47 -4.48
NB HEM B . 4.25 5.51 -2.82
NC HEM B . 2.37 3.48 -1.85
ND HEM B . 3.51 1.48 -3.42
FE HEM B . 4.04 3.45 -2.95
CA CA C . -10.30 6.81 -8.50
CA CA D . 8.71 -6.24 4.89
CAA JZ3 E . 3.55 5.02 -7.23
OAG JZ3 E . 4.20 4.81 -8.46
CAI JZ3 E . 4.89 5.85 -9.23
CAF JZ3 E . 5.45 5.51 -10.50
CAD JZ3 E . 6.15 6.46 -11.24
CAC JZ3 E . 6.35 7.77 -10.81
CAE JZ3 E . 5.79 8.16 -9.59
CAH JZ3 E . 5.08 7.22 -8.77
OAB JZ3 E . 4.61 7.69 -7.53
S SO4 F . 3.98 13.73 -12.03
O1 SO4 F . 4.63 14.68 -13.00
O2 SO4 F . 4.29 12.30 -12.30
O3 SO4 F . 4.53 14.18 -10.73
O4 SO4 F . 2.50 13.77 -11.99
#